data_7SKI
#
_entry.id   7SKI
#
_cell.length_a   59.369
_cell.length_b   42.541
_cell.length_c   72.775
_cell.angle_alpha   90.000
_cell.angle_beta   95.789
_cell.angle_gamma   90.000
#
_symmetry.space_group_name_H-M   'P 1 21 1'
#
loop_
_entity.id
_entity.type
_entity.pdbx_description
1 polymer 'Pertussis toxin subunit 1'
2 non-polymer N~2~,N~2~-DIMETHYL-N~1~-(6-OXO-5,6-DIHYDROPHENANTHRIDIN-2-YL)GLYCINAMIDE
3 water water
#
_entity_poly.entity_id   1
_entity_poly.type   'polypeptide(L)'
_entity_poly.pdbx_seq_one_letter_code
;GPGDPPATVYRYDSRPPEDVFQNGFTAWGNNDNVLEHLTGRSSQVGSSNSAFVSTSSSRRYTEVYLEHRMQEAVEAERAG
RGTGHFIGYIYEVRADNNFYGAASSYFEYVDTYGDNAGRILAGALATYQSEYLAHRRIPPENIRRVTRVYHNGITGETTT
TEYSNARYVSQQTRANPNPYTS
;
_entity_poly.pdbx_strand_id   A,B
#
loop_
_chem_comp.id
_chem_comp.type
_chem_comp.name
_chem_comp.formula
P34 non-polymer N~2~,N~2~-DIMETHYL-N~1~-(6-OXO-5,6-DIHYDROPHENANTHRIDIN-2-YL)GLYCINAMIDE 'C17 H17 N3 O2'
#
# COMPACT_ATOMS: atom_id res chain seq x y z
N ASP A 4 -9.09 -6.80 -14.61
CA ASP A 4 -8.10 -7.62 -15.31
C ASP A 4 -6.98 -8.08 -14.36
N PRO A 5 -7.08 -9.33 -13.92
CA PRO A 5 -6.18 -9.80 -12.87
C PRO A 5 -4.76 -9.85 -13.36
N PRO A 6 -3.78 -9.62 -12.48
CA PRO A 6 -2.38 -9.57 -12.94
C PRO A 6 -1.89 -10.94 -13.35
N ALA A 7 -1.04 -10.96 -14.37
CA ALA A 7 -0.31 -12.15 -14.75
C ALA A 7 0.97 -12.30 -13.96
N THR A 8 1.48 -11.22 -13.36
CA THR A 8 2.73 -11.21 -12.62
C THR A 8 2.51 -10.56 -11.27
N VAL A 9 3.06 -11.18 -10.23
CA VAL A 9 3.11 -10.59 -8.89
C VAL A 9 4.52 -10.75 -8.37
N TYR A 10 4.79 -10.15 -7.22
CA TYR A 10 6.12 -10.09 -6.66
C TYR A 10 6.04 -10.44 -5.19
N ARG A 11 7.14 -10.97 -4.66
CA ARG A 11 7.20 -11.24 -3.23
C ARG A 11 8.61 -10.96 -2.73
N TYR A 12 8.71 -10.07 -1.74
CA TYR A 12 9.94 -9.97 -0.95
C TYR A 12 10.03 -11.16 -0.03
N ASP A 13 11.22 -11.74 0.08
CA ASP A 13 11.42 -12.79 1.07
C ASP A 13 12.87 -12.74 1.51
N SER A 14 13.11 -13.10 2.76
CA SER A 14 14.48 -13.27 3.25
C SER A 14 15.11 -14.56 2.76
N ARG A 15 14.32 -15.51 2.28
CA ARG A 15 14.88 -16.79 1.85
C ARG A 15 15.56 -16.65 0.49
N PRO A 16 16.71 -17.31 0.32
CA PRO A 16 17.50 -17.18 -0.90
C PRO A 16 16.99 -18.11 -1.99
N PRO A 17 17.46 -17.90 -3.24
CA PRO A 17 16.93 -18.69 -4.35
C PRO A 17 17.26 -20.17 -4.28
N GLU A 18 18.36 -20.55 -3.62
CA GLU A 18 18.61 -21.97 -3.46
C GLU A 18 17.47 -22.67 -2.73
N ASP A 19 16.75 -21.95 -1.86
CA ASP A 19 15.56 -22.45 -1.19
C ASP A 19 14.34 -22.26 -2.08
N VAL A 20 14.08 -21.00 -2.49
CA VAL A 20 12.82 -20.66 -3.13
C VAL A 20 12.69 -21.28 -4.52
N PHE A 21 13.77 -21.30 -5.29
CA PHE A 21 13.69 -21.87 -6.64
C PHE A 21 13.53 -23.38 -6.63
N GLN A 22 13.85 -24.04 -5.52
CA GLN A 22 13.65 -25.49 -5.40
C GLN A 22 12.35 -25.85 -4.71
N ASN A 23 11.96 -25.11 -3.68
CA ASN A 23 10.82 -25.45 -2.85
C ASN A 23 9.60 -24.58 -3.12
N GLY A 24 9.77 -23.46 -3.83
CA GLY A 24 8.71 -22.48 -3.94
C GLY A 24 8.52 -21.79 -2.59
N PHE A 25 7.36 -21.17 -2.43
CA PHE A 25 6.95 -20.59 -1.17
C PHE A 25 5.83 -21.44 -0.60
N THR A 26 5.87 -21.71 0.70
CA THR A 26 4.81 -22.49 1.33
C THR A 26 4.22 -21.70 2.48
N ALA A 27 2.91 -21.81 2.66
CA ALA A 27 2.23 -21.14 3.75
C ALA A 27 2.60 -21.78 5.09
N TRP A 28 2.16 -21.13 6.16
CA TRP A 28 2.55 -21.50 7.52
C TRP A 28 1.64 -22.53 8.16
N GLY A 29 0.41 -22.65 7.71
CA GLY A 29 -0.51 -23.58 8.32
C GLY A 29 -1.73 -23.74 7.43
N ASN A 30 -2.80 -24.27 8.02
CA ASN A 30 -3.99 -24.57 7.23
C ASN A 30 -5.16 -23.64 7.53
N ASN A 31 -4.90 -22.49 8.13
CA ASN A 31 -5.96 -21.53 8.49
C ASN A 31 -6.23 -20.62 7.30
N ASP A 32 -7.33 -20.90 6.57
CA ASP A 32 -7.67 -20.13 5.38
C ASP A 32 -8.70 -19.04 5.65
N ASN A 33 -8.74 -18.51 6.88
CA ASN A 33 -9.59 -17.39 7.21
C ASN A 33 -8.94 -16.12 6.66
N VAL A 34 -9.60 -15.48 5.69
CA VAL A 34 -9.01 -14.34 5.00
C VAL A 34 -8.83 -13.15 5.95
N LEU A 35 -9.83 -12.88 6.79
CA LEU A 35 -9.72 -11.76 7.70
C LEU A 35 -8.56 -11.95 8.68
N GLU A 36 -8.37 -13.16 9.16
CA GLU A 36 -7.28 -13.41 10.10
C GLU A 36 -5.92 -13.22 9.43
N HIS A 37 -5.80 -13.60 8.16
CA HIS A 37 -4.55 -13.36 7.45
C HIS A 37 -4.27 -11.86 7.32
N LEU A 38 -5.27 -11.10 6.89
CA LEU A 38 -5.05 -9.69 6.60
C LEU A 38 -4.85 -8.89 7.88
N THR A 39 -5.54 -9.24 8.97
CA THR A 39 -5.39 -8.49 10.21
C THR A 39 -4.17 -8.93 11.00
N GLY A 40 -3.68 -10.15 10.78
CA GLY A 40 -2.49 -10.63 11.44
C GLY A 40 -2.72 -11.70 12.47
N ARG A 41 -3.97 -12.04 12.77
CA ARG A 41 -4.23 -13.07 13.78
C ARG A 41 -3.57 -14.40 13.42
N SER A 42 -3.54 -14.76 12.14
CA SER A 42 -2.95 -16.01 11.72
C SER A 42 -1.47 -15.87 11.33
N SER A 43 -0.84 -14.76 11.71
CA SER A 43 0.59 -14.54 11.50
C SER A 43 1.35 -14.30 12.80
N GLN A 44 0.70 -14.45 13.95
CA GLN A 44 1.32 -14.08 15.22
C GLN A 44 2.14 -15.22 15.81
N VAL A 45 3.16 -14.85 16.59
CA VAL A 45 3.90 -15.88 17.32
C VAL A 45 2.95 -16.58 18.27
N GLY A 46 3.00 -17.92 18.24
CA GLY A 46 1.99 -18.74 18.87
C GLY A 46 0.72 -18.91 18.05
N SER A 47 0.61 -18.20 16.93
CA SER A 47 -0.61 -18.15 16.13
C SER A 47 -0.29 -18.16 14.63
N SER A 48 0.90 -18.63 14.25
CA SER A 48 1.39 -18.51 12.87
C SER A 48 0.92 -19.72 12.05
N ASN A 49 -0.30 -19.61 11.53
CA ASN A 49 -0.91 -20.76 10.87
C ASN A 49 -1.65 -20.42 9.58
N SER A 50 -1.45 -19.23 9.01
CA SER A 50 -2.17 -18.86 7.80
C SER A 50 -1.86 -19.80 6.65
N ALA A 51 -2.89 -20.07 5.86
CA ALA A 51 -2.80 -20.86 4.65
C ALA A 51 -2.51 -20.03 3.41
N PHE A 52 -2.18 -18.75 3.54
CA PHE A 52 -1.93 -17.90 2.37
C PHE A 52 -0.50 -17.41 2.34
N VAL A 53 0.05 -17.35 1.13
CA VAL A 53 1.34 -16.70 0.87
C VAL A 53 1.04 -15.36 0.22
N SER A 54 1.46 -14.27 0.86
CA SER A 54 1.22 -12.94 0.30
C SER A 54 2.20 -12.58 -0.80
N THR A 55 1.67 -11.86 -1.79
CA THR A 55 2.41 -11.27 -2.88
C THR A 55 1.79 -9.90 -3.17
N SER A 56 2.47 -9.09 -3.96
CA SER A 56 1.87 -7.85 -4.44
C SER A 56 2.00 -7.76 -5.95
N SER A 57 0.98 -7.21 -6.61
CA SER A 57 1.14 -6.90 -8.02
C SER A 57 2.09 -5.74 -8.25
N SER A 58 2.42 -4.99 -7.21
CA SER A 58 3.34 -3.86 -7.32
C SER A 58 4.72 -4.29 -6.88
N ARG A 59 5.67 -4.30 -7.81
CA ARG A 59 7.05 -4.54 -7.42
C ARG A 59 7.51 -3.48 -6.43
N ARG A 60 7.12 -2.22 -6.66
CA ARG A 60 7.51 -1.14 -5.77
C ARG A 60 7.10 -1.44 -4.34
N TYR A 61 5.89 -1.96 -4.12
CA TYR A 61 5.46 -2.24 -2.77
C TYR A 61 6.33 -3.30 -2.11
N THR A 62 6.76 -4.32 -2.88
CA THR A 62 7.67 -5.31 -2.30
C THR A 62 9.04 -4.69 -1.99
N GLU A 63 9.47 -3.72 -2.79
CA GLU A 63 10.70 -2.99 -2.48
C GLU A 63 10.56 -2.18 -1.20
N VAL A 64 9.39 -1.59 -0.97
CA VAL A 64 9.13 -0.89 0.29
C VAL A 64 9.26 -1.85 1.45
N TYR A 65 8.70 -3.05 1.32
CA TYR A 65 8.81 -4.07 2.36
C TYR A 65 10.28 -4.41 2.60
N LEU A 66 11.01 -4.71 1.52
CA LEU A 66 12.44 -5.01 1.64
C LEU A 66 13.19 -3.89 2.34
N GLU A 67 12.90 -2.65 1.97
CA GLU A 67 13.64 -1.52 2.52
C GLU A 67 13.35 -1.30 4.00
N HIS A 68 12.13 -1.62 4.45
CA HIS A 68 11.88 -1.61 5.88
C HIS A 68 12.73 -2.65 6.60
N ARG A 69 12.74 -3.88 6.08
CA ARG A 69 13.57 -4.93 6.67
C ARG A 69 15.05 -4.57 6.64
N MET A 70 15.49 -3.89 5.57
CA MET A 70 16.87 -3.43 5.50
C MET A 70 17.18 -2.46 6.63
N GLN A 71 16.31 -1.47 6.82
CA GLN A 71 16.53 -0.49 7.89
C GLN A 71 16.48 -1.15 9.25
N GLU A 72 15.63 -2.15 9.42
CA GLU A 72 15.60 -2.91 10.67
C GLU A 72 16.96 -3.55 10.93
N ALA A 73 17.58 -4.11 9.90
CA ALA A 73 18.89 -4.73 10.07
C ALA A 73 19.96 -3.69 10.38
N VAL A 74 19.89 -2.52 9.75
CA VAL A 74 20.85 -1.46 10.06
C VAL A 74 20.72 -1.03 11.51
N GLU A 75 19.48 -0.81 11.96
CA GLU A 75 19.26 -0.38 13.34
C GLU A 75 19.64 -1.48 14.33
N ALA A 76 19.41 -2.75 13.98
CA ALA A 76 19.81 -3.83 14.86
C ALA A 76 21.32 -3.85 15.05
N GLU A 77 22.08 -3.66 13.97
CA GLU A 77 23.53 -3.64 14.12
C GLU A 77 23.97 -2.47 14.97
N ARG A 78 23.36 -1.30 14.78
CA ARG A 78 23.73 -0.15 15.60
C ARG A 78 23.55 -0.44 17.08
N ALA A 79 22.54 -1.25 17.42
CA ALA A 79 22.23 -1.62 18.79
C ALA A 79 22.94 -2.88 19.25
N GLY A 80 23.81 -3.46 18.43
CA GLY A 80 24.57 -4.63 18.84
C GLY A 80 23.82 -5.93 18.71
N ARG A 81 22.75 -5.97 17.93
CA ARG A 81 21.92 -7.16 17.79
C ARG A 81 21.90 -7.71 16.37
N GLY A 82 22.93 -7.42 15.59
CA GLY A 82 23.02 -7.95 14.24
C GLY A 82 24.37 -7.57 13.64
N THR A 83 24.69 -8.24 12.53
CA THR A 83 25.95 -7.97 11.85
C THR A 83 25.89 -6.74 10.96
N GLY A 84 24.69 -6.27 10.62
CA GLY A 84 24.54 -5.19 9.68
C GLY A 84 24.60 -5.59 8.22
N HIS A 85 24.96 -6.83 7.92
CA HIS A 85 24.96 -7.32 6.55
C HIS A 85 23.58 -7.86 6.23
N PHE A 86 22.84 -7.13 5.43
CA PHE A 86 21.48 -7.47 5.08
C PHE A 86 21.44 -8.03 3.66
N ILE A 87 20.71 -9.11 3.48
CA ILE A 87 20.41 -9.61 2.14
C ILE A 87 18.91 -9.82 2.07
N GLY A 88 18.27 -9.19 1.08
CA GLY A 88 16.86 -9.40 0.83
C GLY A 88 16.65 -9.73 -0.63
N TYR A 89 15.53 -10.39 -0.91
CA TYR A 89 15.27 -10.90 -2.25
C TYR A 89 13.88 -10.47 -2.71
N ILE A 90 13.79 -10.05 -3.97
CA ILE A 90 12.49 -9.78 -4.59
C ILE A 90 12.30 -10.81 -5.68
N TYR A 91 11.28 -11.65 -5.51
CA TYR A 91 10.95 -12.69 -6.47
C TYR A 91 9.84 -12.23 -7.39
N GLU A 92 10.00 -12.50 -8.69
CA GLU A 92 8.97 -12.27 -9.68
C GLU A 92 8.25 -13.59 -9.94
N VAL A 93 6.92 -13.56 -9.86
CA VAL A 93 6.10 -14.76 -9.81
C VAL A 93 5.00 -14.68 -10.86
N ARG A 94 4.81 -15.76 -11.61
CA ARG A 94 3.64 -15.88 -12.48
C ARG A 94 2.41 -16.23 -11.65
N ALA A 95 1.38 -15.39 -11.71
CA ALA A 95 0.15 -15.64 -10.99
C ALA A 95 -0.74 -16.58 -11.80
N ASP A 96 -1.55 -17.36 -11.08
CA ASP A 96 -2.52 -18.28 -11.69
C ASP A 96 -3.80 -18.28 -10.85
N ASN A 97 -4.71 -19.21 -11.18
CA ASN A 97 -6.02 -19.22 -10.52
C ASN A 97 -5.96 -19.56 -9.03
N ASN A 98 -4.80 -19.92 -8.50
CA ASN A 98 -4.66 -20.14 -7.06
CA ASN A 98 -4.61 -20.16 -7.08
C ASN A 98 -4.23 -18.88 -6.32
N PHE A 99 -4.18 -17.74 -7.02
CA PHE A 99 -3.84 -16.45 -6.43
C PHE A 99 -5.11 -15.60 -6.40
N TYR A 100 -5.45 -15.07 -5.24
CA TYR A 100 -6.72 -14.39 -5.03
C TYR A 100 -6.49 -12.98 -4.52
N GLY A 101 -7.22 -12.00 -5.06
CA GLY A 101 -7.07 -10.64 -4.61
C GLY A 101 -7.45 -10.46 -3.15
N ALA A 102 -6.60 -9.78 -2.39
CA ALA A 102 -6.84 -9.59 -0.97
C ALA A 102 -8.06 -8.70 -0.72
N ALA A 103 -8.12 -7.54 -1.38
CA ALA A 103 -9.26 -6.63 -1.17
C ALA A 103 -10.57 -7.32 -1.53
N SER A 104 -10.61 -7.97 -2.69
CA SER A 104 -11.82 -8.66 -3.11
C SER A 104 -12.22 -9.74 -2.11
N SER A 105 -11.25 -10.52 -1.64
CA SER A 105 -11.53 -11.57 -0.66
C SER A 105 -12.03 -10.97 0.65
N TYR A 106 -11.51 -9.82 1.03
CA TYR A 106 -12.00 -9.14 2.22
C TYR A 106 -13.45 -8.71 2.05
N PHE A 107 -13.78 -8.08 0.92
CA PHE A 107 -15.15 -7.64 0.71
C PHE A 107 -16.12 -8.80 0.73
N GLU A 108 -15.71 -9.93 0.16
CA GLU A 108 -16.53 -11.14 0.18
C GLU A 108 -16.69 -11.66 1.61
N TYR A 109 -15.62 -11.63 2.40
CA TYR A 109 -15.72 -12.06 3.79
C TYR A 109 -16.71 -11.20 4.56
N VAL A 110 -16.63 -9.88 4.37
CA VAL A 110 -17.53 -8.95 5.07
C VAL A 110 -18.97 -9.17 4.64
N ASP A 111 -19.19 -9.37 3.34
CA ASP A 111 -20.55 -9.58 2.84
C ASP A 111 -21.22 -10.77 3.51
N THR A 112 -20.42 -11.74 3.96
CA THR A 112 -20.94 -12.94 4.59
C THR A 112 -21.02 -12.83 6.11
N TYR A 113 -19.95 -12.37 6.75
CA TYR A 113 -19.86 -12.35 8.20
C TYR A 113 -20.01 -10.97 8.81
N GLY A 114 -20.09 -9.93 8.00
CA GLY A 114 -20.19 -8.59 8.53
C GLY A 114 -18.85 -8.09 9.03
N ASP A 115 -18.89 -6.85 9.53
CA ASP A 115 -17.70 -6.15 10.00
C ASP A 115 -17.88 -5.57 11.39
N ASN A 116 -18.99 -5.88 12.07
CA ASN A 116 -19.23 -5.37 13.42
C ASN A 116 -18.02 -5.58 14.31
N ALA A 117 -17.27 -6.66 14.09
CA ALA A 117 -16.01 -6.88 14.77
C ALA A 117 -14.69 -6.59 14.05
N GLY A 118 -14.36 -7.41 13.05
CA GLY A 118 -13.10 -7.29 12.33
C GLY A 118 -13.28 -6.31 11.18
N ARG A 119 -12.57 -5.19 11.24
CA ARG A 119 -12.72 -4.18 10.19
C ARG A 119 -11.35 -3.63 9.84
N ILE A 120 -11.07 -3.65 8.55
CA ILE A 120 -9.80 -3.17 8.01
C ILE A 120 -9.95 -1.71 7.61
N LEU A 121 -9.01 -0.89 8.04
CA LEU A 121 -9.05 0.54 7.76
C LEU A 121 -8.82 0.82 6.29
N ALA A 122 -9.34 1.97 5.84
CA ALA A 122 -9.35 2.31 4.43
C ALA A 122 -7.94 2.35 3.85
N GLY A 123 -6.99 2.93 4.57
CA GLY A 123 -5.64 3.04 4.03
C GLY A 123 -5.03 1.68 3.75
N ALA A 124 -5.13 0.76 4.71
CA ALA A 124 -4.61 -0.59 4.49
C ALA A 124 -5.38 -1.30 3.39
N LEU A 125 -6.69 -1.14 3.34
CA LEU A 125 -7.46 -1.82 2.31
C LEU A 125 -7.04 -1.34 0.92
N ALA A 126 -6.72 -0.06 0.78
CA ALA A 126 -6.23 0.44 -0.50
C ALA A 126 -4.94 -0.25 -0.91
N THR A 127 -4.00 -0.43 0.03
CA THR A 127 -2.80 -1.21 -0.27
C THR A 127 -3.17 -2.62 -0.69
N TYR A 128 -4.20 -3.19 -0.04
CA TYR A 128 -4.57 -4.57 -0.29
C TYR A 128 -5.21 -4.78 -1.64
N GLN A 129 -5.62 -3.71 -2.34
CA GLN A 129 -6.03 -3.86 -3.72
C GLN A 129 -4.92 -4.44 -4.58
N SER A 130 -3.67 -4.27 -4.17
CA SER A 130 -2.54 -4.83 -4.91
C SER A 130 -2.00 -6.11 -4.29
N GLU A 131 -2.54 -6.57 -3.16
CA GLU A 131 -2.05 -7.77 -2.52
C GLU A 131 -2.82 -8.98 -3.08
N TYR A 132 -2.09 -10.04 -3.41
CA TYR A 132 -2.65 -11.29 -3.90
C TYR A 132 -2.22 -12.42 -3.00
N LEU A 133 -3.19 -13.26 -2.61
CA LEU A 133 -2.96 -14.34 -1.68
C LEU A 133 -2.92 -15.65 -2.45
N ALA A 134 -1.78 -16.33 -2.43
CA ALA A 134 -1.69 -17.65 -3.01
C ALA A 134 -2.08 -18.69 -1.97
N HIS A 135 -3.00 -19.57 -2.31
CA HIS A 135 -3.49 -20.56 -1.35
C HIS A 135 -2.48 -21.71 -1.21
N ARG A 136 -2.00 -21.93 0.02
CA ARG A 136 -1.18 -23.06 0.45
C ARG A 136 0.28 -22.97 0.02
N ARG A 137 0.53 -22.62 -1.24
CA ARG A 137 1.89 -22.66 -1.75
CA ARG A 137 1.90 -22.59 -1.72
C ARG A 137 1.96 -21.91 -3.08
N ILE A 138 3.14 -21.43 -3.41
CA ILE A 138 3.50 -20.99 -4.75
C ILE A 138 4.53 -21.97 -5.26
N PRO A 139 4.22 -22.80 -6.26
CA PRO A 139 5.18 -23.79 -6.70
C PRO A 139 6.41 -23.12 -7.28
N PRO A 140 7.56 -23.77 -7.22
CA PRO A 140 8.76 -23.18 -7.81
C PRO A 140 8.63 -22.98 -9.31
N GLU A 141 7.78 -23.76 -9.97
CA GLU A 141 7.55 -23.61 -11.39
C GLU A 141 6.91 -22.27 -11.75
N ASN A 142 6.31 -21.58 -10.79
CA ASN A 142 5.74 -20.26 -11.03
C ASN A 142 6.74 -19.12 -10.85
N ILE A 143 7.91 -19.40 -10.32
CA ILE A 143 8.82 -18.34 -9.88
C ILE A 143 9.84 -18.08 -10.98
N ARG A 144 9.80 -16.88 -11.54
CA ARG A 144 10.57 -16.60 -12.75
C ARG A 144 12.03 -16.25 -12.48
N ARG A 145 12.26 -15.39 -11.49
CA ARG A 145 13.58 -14.77 -11.29
CA ARG A 145 13.59 -14.81 -11.28
C ARG A 145 13.59 -14.12 -9.92
N VAL A 146 14.78 -13.70 -9.50
CA VAL A 146 15.00 -13.05 -8.22
C VAL A 146 15.95 -11.88 -8.43
N THR A 147 15.73 -10.84 -7.64
CA THR A 147 16.68 -9.75 -7.46
C THR A 147 17.19 -9.84 -6.03
N ARG A 148 18.51 -9.97 -5.90
CA ARG A 148 19.19 -10.04 -4.62
C ARG A 148 19.73 -8.65 -4.27
N VAL A 149 19.33 -8.13 -3.12
CA VAL A 149 19.78 -6.82 -2.64
C VAL A 149 20.62 -7.05 -1.41
N TYR A 150 21.90 -6.72 -1.49
CA TYR A 150 22.81 -6.77 -0.36
C TYR A 150 23.03 -5.34 0.13
N HIS A 151 23.02 -5.15 1.45
CA HIS A 151 23.31 -3.84 2.04
C HIS A 151 24.23 -4.00 3.23
N ASN A 152 25.33 -3.22 3.24
CA ASN A 152 26.23 -3.16 4.38
C ASN A 152 25.75 -2.01 5.26
N GLY A 153 25.17 -2.33 6.41
CA GLY A 153 24.61 -1.28 7.26
C GLY A 153 25.64 -0.30 7.76
N ILE A 154 26.87 -0.75 8.00
CA ILE A 154 27.91 0.10 8.58
C ILE A 154 28.43 1.10 7.56
N THR A 155 28.59 0.68 6.31
CA THR A 155 29.14 1.55 5.29
C THR A 155 28.09 2.18 4.39
N GLY A 156 26.87 1.65 4.40
CA GLY A 156 25.82 2.16 3.55
C GLY A 156 25.88 1.69 2.12
N GLU A 157 26.81 0.82 1.81
CA GLU A 157 27.01 0.33 0.45
C GLU A 157 25.97 -0.78 0.10
N THR A 158 25.46 -0.78 -1.15
CA THR A 158 24.44 -1.72 -1.60
C THR A 158 24.84 -2.31 -2.96
N THR A 159 24.40 -3.55 -3.22
CA THR A 159 24.46 -4.14 -4.55
C THR A 159 23.12 -4.76 -4.88
N THR A 160 22.85 -4.83 -6.17
CA THR A 160 21.68 -5.53 -6.70
C THR A 160 22.17 -6.50 -7.78
N THR A 161 21.72 -7.77 -7.68
CA THR A 161 22.13 -8.86 -8.57
C THR A 161 20.88 -9.60 -9.02
N GLU A 162 20.87 -10.11 -10.25
CA GLU A 162 19.71 -10.79 -10.82
C GLU A 162 20.06 -12.24 -11.15
N TYR A 163 19.15 -13.17 -10.88
CA TYR A 163 19.28 -14.55 -11.33
C TYR A 163 17.93 -15.06 -11.79
N SER A 164 17.91 -15.89 -12.82
CA SER A 164 16.69 -16.55 -13.25
C SER A 164 16.58 -17.94 -12.63
N ASN A 165 15.34 -18.45 -12.58
CA ASN A 165 15.05 -19.78 -12.05
C ASN A 165 14.97 -20.77 -13.22
N ALA A 166 15.91 -21.72 -13.27
CA ALA A 166 15.89 -22.72 -14.33
C ALA A 166 14.63 -23.57 -14.31
N ARG A 167 13.94 -23.66 -13.17
CA ARG A 167 12.75 -24.50 -13.08
C ARG A 167 11.48 -23.78 -13.48
N TYR A 168 11.55 -22.51 -13.85
CA TYR A 168 10.34 -21.77 -14.19
C TYR A 168 9.67 -22.36 -15.41
N VAL A 169 8.35 -22.52 -15.34
CA VAL A 169 7.55 -23.05 -16.44
C VAL A 169 6.66 -21.93 -16.96
N SER A 170 6.79 -21.65 -18.26
CA SER A 170 5.95 -20.63 -18.88
C SER A 170 4.58 -21.21 -19.18
N GLN A 171 3.54 -20.50 -18.72
CA GLN A 171 2.17 -20.82 -19.04
C GLN A 171 1.41 -19.51 -19.13
N GLN A 172 0.31 -19.52 -19.87
CA GLN A 172 -0.52 -18.32 -20.01
C GLN A 172 -1.58 -18.34 -18.92
N THR A 173 -1.21 -17.83 -17.74
CA THR A 173 -2.11 -17.79 -16.61
C THR A 173 -2.15 -16.37 -16.03
N ARG A 174 -3.18 -16.11 -15.24
CA ARG A 174 -3.25 -14.89 -14.45
C ARG A 174 -4.01 -15.18 -13.17
N ALA A 175 -4.04 -14.20 -12.27
CA ALA A 175 -4.68 -14.40 -10.99
C ALA A 175 -6.17 -14.70 -11.16
N ASN A 176 -6.74 -15.31 -10.13
CA ASN A 176 -8.16 -15.62 -10.14
C ASN A 176 -8.96 -14.32 -10.17
N PRO A 177 -10.02 -14.24 -10.98
CA PRO A 177 -10.87 -13.03 -10.96
C PRO A 177 -11.83 -12.98 -9.80
N ASN A 178 -12.00 -14.06 -9.05
CA ASN A 178 -13.00 -14.16 -7.99
C ASN A 178 -12.34 -14.04 -6.63
N PRO A 179 -13.10 -13.66 -5.61
CA PRO A 179 -12.57 -13.67 -4.24
C PRO A 179 -12.33 -15.11 -3.78
N TYR A 180 -11.40 -15.25 -2.83
CA TYR A 180 -11.24 -16.53 -2.17
C TYR A 180 -12.44 -16.79 -1.27
N THR A 181 -12.97 -18.01 -1.33
CA THR A 181 -14.04 -18.46 -0.44
C THR A 181 -13.61 -19.75 0.23
N SER A 182 -13.90 -19.85 1.53
CA SER A 182 -13.57 -21.02 2.32
C SER A 182 -14.68 -22.07 2.26
N ASP B 4 15.05 11.68 -6.17
CA ASP B 4 14.57 13.04 -6.10
C ASP B 4 13.15 13.11 -5.53
N PRO B 5 12.90 14.10 -4.67
CA PRO B 5 11.55 14.28 -4.16
C PRO B 5 10.59 14.58 -5.29
N PRO B 6 9.32 14.20 -5.16
CA PRO B 6 8.37 14.39 -6.25
C PRO B 6 8.03 15.87 -6.44
N ALA B 7 7.85 16.26 -7.70
CA ALA B 7 7.36 17.60 -8.00
C ALA B 7 5.84 17.68 -7.95
N THR B 8 5.16 16.55 -8.08
CA THR B 8 3.71 16.49 -8.10
C THR B 8 3.24 15.42 -7.15
N VAL B 9 2.20 15.74 -6.38
CA VAL B 9 1.51 14.78 -5.54
C VAL B 9 0.02 14.89 -5.82
N TYR B 10 -0.74 13.97 -5.23
CA TYR B 10 -2.16 13.82 -5.51
C TYR B 10 -2.90 13.67 -4.20
N ARG B 11 -4.15 14.14 -4.18
CA ARG B 11 -4.99 13.97 -3.00
C ARG B 11 -6.41 13.64 -3.44
N TYR B 12 -6.93 12.53 -2.92
CA TYR B 12 -8.35 12.25 -2.99
C TYR B 12 -9.06 13.05 -1.92
N ASP B 13 -10.18 13.66 -2.30
CA ASP B 13 -10.99 14.40 -1.34
C ASP B 13 -12.43 14.40 -1.80
N SER B 14 -13.35 14.48 -0.84
CA SER B 14 -14.75 14.65 -1.16
C SER B 14 -15.11 16.09 -1.50
N ARG B 15 -14.27 17.06 -1.14
CA ARG B 15 -14.61 18.45 -1.37
C ARG B 15 -14.43 18.81 -2.85
N PRO B 16 -15.34 19.61 -3.41
CA PRO B 16 -15.34 19.89 -4.84
C PRO B 16 -14.45 21.08 -5.18
N PRO B 17 -14.14 21.28 -6.46
CA PRO B 17 -13.16 22.31 -6.82
C PRO B 17 -13.61 23.73 -6.55
N GLU B 18 -14.90 24.03 -6.57
CA GLU B 18 -15.32 25.38 -6.17
C GLU B 18 -14.76 25.73 -4.81
N ASP B 19 -14.70 24.74 -3.92
CA ASP B 19 -14.15 24.92 -2.59
C ASP B 19 -12.62 24.86 -2.64
N VAL B 20 -12.08 23.75 -3.15
CA VAL B 20 -10.64 23.51 -3.05
C VAL B 20 -9.84 24.49 -3.90
N PHE B 21 -10.29 24.80 -5.11
CA PHE B 21 -9.52 25.72 -5.95
C PHE B 21 -9.47 27.12 -5.36
N GLN B 22 -10.37 27.47 -4.47
CA GLN B 22 -10.37 28.79 -3.87
C GLN B 22 -9.81 28.80 -2.45
N ASN B 23 -9.93 27.70 -1.72
CA ASN B 23 -9.59 27.63 -0.32
C ASN B 23 -8.42 26.70 -0.03
N GLY B 24 -8.01 25.86 -0.98
CA GLY B 24 -6.97 24.90 -0.72
C GLY B 24 -7.41 23.82 0.27
N PHE B 25 -6.41 23.22 0.92
CA PHE B 25 -6.63 22.24 1.97
C PHE B 25 -5.99 22.77 3.24
N THR B 26 -6.69 22.68 4.36
CA THR B 26 -6.15 23.12 5.64
C THR B 26 -6.21 21.96 6.62
N ALA B 27 -5.18 21.84 7.46
CA ALA B 27 -5.13 20.81 8.49
C ALA B 27 -5.99 21.21 9.68
N TRP B 28 -6.46 20.20 10.42
CA TRP B 28 -7.35 20.44 11.56
C TRP B 28 -6.65 21.19 12.68
N GLY B 29 -5.46 20.75 13.07
CA GLY B 29 -4.86 21.25 14.29
C GLY B 29 -3.41 21.66 14.20
N ASN B 30 -2.72 21.68 15.35
CA ASN B 30 -1.36 22.17 15.41
C ASN B 30 -0.36 21.14 15.93
N ASN B 31 -0.74 19.86 15.96
CA ASN B 31 0.18 18.79 16.35
C ASN B 31 1.04 18.44 15.15
N ASP B 32 2.29 18.92 15.15
CA ASP B 32 3.20 18.70 14.03
C ASP B 32 4.16 17.54 14.28
N ASN B 33 3.77 16.59 15.13
CA ASN B 33 4.54 15.37 15.33
C ASN B 33 4.11 14.36 14.27
N VAL B 34 5.04 14.01 13.37
CA VAL B 34 4.68 13.15 12.24
C VAL B 34 4.31 11.75 12.71
N LEU B 35 5.06 11.20 13.68
CA LEU B 35 4.72 9.88 14.20
C LEU B 35 3.31 9.86 14.79
N GLU B 36 2.94 10.90 15.54
CA GLU B 36 1.60 10.95 16.09
C GLU B 36 0.54 11.14 15.01
N HIS B 37 0.91 11.77 13.89
CA HIS B 37 0.00 11.83 12.76
C HIS B 37 -0.31 10.44 12.23
N LEU B 38 0.71 9.56 12.20
CA LEU B 38 0.50 8.20 11.72
C LEU B 38 -0.25 7.37 12.75
N THR B 39 0.16 7.44 14.02
CA THR B 39 -0.48 6.63 15.05
C THR B 39 -1.90 7.09 15.33
N GLY B 40 -2.14 8.41 15.31
CA GLY B 40 -3.47 8.91 15.57
C GLY B 40 -4.48 8.53 14.51
N ARG B 41 -4.05 8.42 13.27
CA ARG B 41 -4.95 8.04 12.19
C ARG B 41 -5.48 6.63 12.36
N SER B 42 -4.71 5.76 13.03
CA SER B 42 -5.12 4.39 13.30
C SER B 42 -5.57 4.18 14.75
N SER B 43 -5.42 5.17 15.60
CA SER B 43 -5.87 5.07 17.00
C SER B 43 -7.00 6.04 17.27
N SER B 48 -6.96 13.87 15.07
CA SER B 48 -6.12 13.87 16.25
C SER B 48 -5.29 15.15 16.33
N ASN B 49 -5.90 16.26 15.94
CA ASN B 49 -5.30 17.58 15.99
C ASN B 49 -4.07 17.71 15.09
N SER B 50 -4.01 16.91 14.03
CA SER B 50 -2.83 16.89 13.17
C SER B 50 -2.65 18.20 12.44
N ALA B 51 -1.40 18.64 12.34
CA ALA B 51 -1.04 19.83 11.58
C ALA B 51 -0.73 19.53 10.12
N PHE B 52 -1.02 18.33 9.62
CA PHE B 52 -0.62 17.94 8.28
C PHE B 52 -1.81 17.60 7.39
N VAL B 53 -1.64 17.85 6.10
CA VAL B 53 -2.56 17.41 5.06
C VAL B 53 -1.85 16.32 4.27
N SER B 54 -2.47 15.15 4.16
CA SER B 54 -1.85 14.02 3.46
C SER B 54 -2.07 14.10 1.96
N THR B 55 -1.04 13.68 1.22
CA THR B 55 -1.05 13.53 -0.22
C THR B 55 -0.24 12.28 -0.53
N SER B 56 -0.29 11.85 -1.79
CA SER B 56 0.52 10.72 -2.23
C SER B 56 1.22 11.07 -3.54
N SER B 57 2.47 10.63 -3.67
CA SER B 57 3.11 10.77 -4.97
C SER B 57 2.54 9.83 -6.01
N SER B 58 1.72 8.86 -5.62
CA SER B 58 1.14 7.89 -6.54
C SER B 58 -0.28 8.31 -6.87
N ARG B 59 -0.51 8.72 -8.11
CA ARG B 59 -1.89 8.98 -8.52
C ARG B 59 -2.72 7.70 -8.42
N ARG B 60 -2.15 6.56 -8.81
CA ARG B 60 -2.91 5.32 -8.78
C ARG B 60 -3.38 4.98 -7.38
N TYR B 61 -2.56 5.23 -6.37
CA TYR B 61 -3.01 5.00 -4.99
C TYR B 61 -4.27 5.79 -4.69
N THR B 62 -4.28 7.08 -5.04
CA THR B 62 -5.47 7.88 -4.77
C THR B 62 -6.67 7.41 -5.58
N GLU B 63 -6.43 6.89 -6.78
CA GLU B 63 -7.51 6.33 -7.60
C GLU B 63 -8.09 5.08 -6.96
N VAL B 64 -7.23 4.19 -6.48
CA VAL B 64 -7.70 3.01 -5.76
C VAL B 64 -8.52 3.42 -4.54
N TYR B 65 -8.01 4.40 -3.79
CA TYR B 65 -8.71 4.88 -2.61
C TYR B 65 -10.09 5.39 -2.99
N LEU B 66 -10.17 6.20 -4.05
CA LEU B 66 -11.47 6.66 -4.55
C LEU B 66 -12.37 5.48 -4.92
N GLU B 67 -11.82 4.51 -5.67
CA GLU B 67 -12.60 3.37 -6.11
C GLU B 67 -13.17 2.60 -4.93
N HIS B 68 -12.41 2.50 -3.83
CA HIS B 68 -12.91 1.82 -2.65
C HIS B 68 -14.02 2.61 -1.96
N ARG B 69 -13.92 3.94 -1.94
CA ARG B 69 -15.02 4.74 -1.40
C ARG B 69 -16.26 4.60 -2.26
N MET B 70 -16.07 4.54 -3.58
CA MET B 70 -17.19 4.28 -4.48
C MET B 70 -17.81 2.91 -4.22
N GLN B 71 -16.98 1.89 -4.06
CA GLN B 71 -17.47 0.55 -3.72
C GLN B 71 -18.29 0.57 -2.44
N GLU B 72 -17.87 1.35 -1.45
CA GLU B 72 -18.63 1.42 -0.20
C GLU B 72 -20.02 2.01 -0.44
N ALA B 73 -20.12 2.98 -1.35
CA ALA B 73 -21.43 3.56 -1.66
C ALA B 73 -22.31 2.54 -2.38
N VAL B 74 -21.74 1.77 -3.31
CA VAL B 74 -22.50 0.74 -4.00
C VAL B 74 -22.95 -0.33 -3.02
N GLU B 75 -22.06 -0.71 -2.10
CA GLU B 75 -22.41 -1.67 -1.06
C GLU B 75 -23.57 -1.18 -0.20
N ALA B 76 -23.53 0.08 0.21
CA ALA B 76 -24.61 0.64 1.01
C ALA B 76 -25.94 0.56 0.26
N GLU B 77 -25.93 0.87 -1.04
CA GLU B 77 -27.14 0.78 -1.85
C GLU B 77 -27.67 -0.65 -1.84
N ARG B 78 -26.77 -1.63 -1.98
CA ARG B 78 -27.19 -3.02 -2.01
C ARG B 78 -27.78 -3.45 -0.67
N ALA B 79 -27.34 -2.83 0.42
CA ALA B 79 -27.86 -3.12 1.74
C ALA B 79 -29.17 -2.39 2.05
N GLY B 80 -29.74 -1.66 1.08
CA GLY B 80 -30.91 -0.86 1.37
C GLY B 80 -30.60 0.36 2.19
N ARG B 81 -29.34 0.82 2.16
CA ARG B 81 -28.88 1.90 3.03
C ARG B 81 -28.20 2.98 2.23
N GLY B 82 -28.60 3.20 0.98
CA GLY B 82 -28.03 4.29 0.24
C GLY B 82 -28.59 4.41 -1.14
N THR B 83 -28.23 5.53 -1.78
CA THR B 83 -28.59 5.79 -3.15
C THR B 83 -27.67 5.08 -4.14
N GLY B 84 -26.46 4.72 -3.71
CA GLY B 84 -25.45 4.24 -4.62
C GLY B 84 -24.73 5.32 -5.39
N HIS B 85 -25.16 6.57 -5.31
CA HIS B 85 -24.45 7.65 -5.96
C HIS B 85 -23.15 7.94 -5.23
N PHE B 86 -22.15 8.36 -6.00
CA PHE B 86 -20.86 8.69 -5.42
C PHE B 86 -20.20 9.75 -6.27
N ILE B 87 -19.67 10.78 -5.62
CA ILE B 87 -18.83 11.78 -6.27
C ILE B 87 -17.54 11.89 -5.49
N GLY B 88 -16.42 11.71 -6.18
CA GLY B 88 -15.12 11.90 -5.55
C GLY B 88 -14.20 12.68 -6.47
N TYR B 89 -13.14 13.23 -5.88
CA TYR B 89 -12.23 14.11 -6.60
C TYR B 89 -10.80 13.67 -6.37
N ILE B 90 -9.98 13.72 -7.42
CA ILE B 90 -8.55 13.52 -7.33
C ILE B 90 -7.87 14.81 -7.76
N TYR B 91 -7.22 15.48 -6.81
CA TYR B 91 -6.53 16.72 -7.06
C TYR B 91 -5.07 16.46 -7.37
N GLU B 92 -4.56 17.16 -8.39
CA GLU B 92 -3.15 17.14 -8.73
C GLU B 92 -2.50 18.41 -8.20
N VAL B 93 -1.43 18.25 -7.42
CA VAL B 93 -0.87 19.31 -6.59
C VAL B 93 0.62 19.44 -6.84
N ARG B 94 1.09 20.67 -7.02
CA ARG B 94 2.52 20.94 -7.07
C ARG B 94 3.09 20.90 -5.66
N ALA B 95 4.11 20.08 -5.45
CA ALA B 95 4.77 19.99 -4.15
C ALA B 95 5.88 21.01 -4.05
N ASP B 96 6.16 21.44 -2.83
CA ASP B 96 7.24 22.37 -2.53
C ASP B 96 7.86 21.96 -1.21
N ASN B 97 8.77 22.80 -0.68
CA ASN B 97 9.48 22.43 0.53
C ASN B 97 8.59 22.37 1.77
N ASN B 98 7.32 22.73 1.66
CA ASN B 98 6.37 22.56 2.75
C ASN B 98 5.73 21.17 2.76
N PHE B 99 6.12 20.30 1.82
CA PHE B 99 5.62 18.93 1.72
C PHE B 99 6.74 17.99 2.13
N TYR B 100 6.47 17.10 3.09
CA TYR B 100 7.48 16.28 3.72
C TYR B 100 7.15 14.80 3.58
N GLY B 101 8.13 14.01 3.18
CA GLY B 101 7.93 12.58 3.18
C GLY B 101 7.87 12.05 4.61
N ALA B 102 7.09 10.99 4.80
CA ALA B 102 6.85 10.43 6.12
C ALA B 102 7.62 9.14 6.39
N ALA B 103 8.47 8.68 5.45
CA ALA B 103 9.07 7.36 5.55
C ALA B 103 9.83 7.15 6.85
N SER B 104 10.54 8.17 7.33
CA SER B 104 11.31 8.01 8.56
C SER B 104 10.41 7.73 9.75
N SER B 105 9.24 8.36 9.80
CA SER B 105 8.30 8.06 10.87
C SER B 105 7.58 6.73 10.66
N TYR B 106 7.35 6.33 9.41
CA TYR B 106 6.77 5.00 9.17
C TYR B 106 7.65 3.90 9.74
N PHE B 107 8.97 4.07 9.67
CA PHE B 107 9.83 3.05 10.24
C PHE B 107 9.56 2.91 11.73
N GLU B 108 9.54 4.04 12.45
CA GLU B 108 9.30 3.99 13.89
C GLU B 108 7.92 3.46 14.20
N TYR B 109 6.93 3.85 13.38
CA TYR B 109 5.56 3.39 13.57
C TYR B 109 5.48 1.87 13.49
N VAL B 110 6.07 1.28 12.44
CA VAL B 110 6.05 -0.18 12.31
C VAL B 110 6.93 -0.83 13.37
N ASP B 111 8.11 -0.27 13.61
CA ASP B 111 9.09 -0.92 14.47
C ASP B 111 8.71 -0.91 15.94
N THR B 112 7.86 0.01 16.36
CA THR B 112 7.42 0.09 17.76
C THR B 112 5.99 -0.37 17.95
N TYR B 113 5.31 -0.81 16.89
CA TYR B 113 3.90 -1.19 17.02
C TYR B 113 3.72 -2.37 17.96
N GLY B 114 4.53 -3.40 17.82
CA GLY B 114 4.41 -4.58 18.64
C GLY B 114 3.91 -5.80 17.88
N ASP B 115 3.10 -6.62 18.55
CA ASP B 115 2.64 -7.92 18.04
C ASP B 115 2.29 -7.90 16.56
N ASN B 116 1.32 -7.05 16.18
CA ASN B 116 0.76 -7.02 14.83
C ASN B 116 1.63 -6.26 13.83
N ALA B 117 2.91 -6.02 14.14
CA ALA B 117 3.74 -5.16 13.29
C ALA B 117 3.78 -5.64 11.85
N GLY B 118 3.74 -6.96 11.63
CA GLY B 118 3.87 -7.49 10.28
C GLY B 118 2.76 -7.05 9.36
N ARG B 119 1.51 -7.14 9.82
CA ARG B 119 0.41 -6.70 8.99
C ARG B 119 0.24 -5.17 8.99
N ILE B 120 0.75 -4.48 10.00
CA ILE B 120 0.84 -3.03 9.92
C ILE B 120 1.76 -2.63 8.76
N LEU B 121 2.91 -3.28 8.65
CA LEU B 121 3.79 -3.03 7.51
C LEU B 121 3.09 -3.37 6.20
N ALA B 122 2.44 -4.53 6.13
CA ALA B 122 1.79 -4.94 4.89
C ALA B 122 0.74 -3.93 4.46
N GLY B 123 -0.03 -3.39 5.40
CA GLY B 123 -1.04 -2.40 5.05
C GLY B 123 -0.47 -1.04 4.72
N ALA B 124 0.78 -0.80 5.10
CA ALA B 124 1.41 0.50 4.90
C ALA B 124 2.20 0.60 3.61
N LEU B 125 2.34 -0.48 2.83
CA LEU B 125 3.30 -0.46 1.74
C LEU B 125 3.01 0.64 0.73
N ALA B 126 1.74 0.95 0.51
CA ALA B 126 1.37 1.92 -0.51
C ALA B 126 1.59 3.36 -0.10
N THR B 127 1.79 3.64 1.19
CA THR B 127 2.00 5.01 1.67
C THR B 127 3.33 5.23 2.35
N TYR B 128 4.01 4.18 2.80
CA TYR B 128 5.25 4.32 3.57
C TYR B 128 6.22 5.28 2.90
N GLN B 129 6.45 5.12 1.59
CA GLN B 129 7.37 5.96 0.85
C GLN B 129 6.69 6.92 -0.10
N SER B 130 5.36 6.86 -0.24
CA SER B 130 4.65 7.73 -1.16
C SER B 130 3.85 8.83 -0.49
N GLU B 131 3.60 8.73 0.81
CA GLU B 131 2.81 9.76 1.48
C GLU B 131 3.66 10.97 1.77
N TYR B 132 3.18 12.14 1.35
CA TYR B 132 3.81 13.42 1.61
C TYR B 132 2.84 14.29 2.39
N LEU B 133 3.34 14.90 3.44
CA LEU B 133 2.55 15.67 4.39
C LEU B 133 2.84 17.15 4.19
N ALA B 134 1.82 17.91 3.84
CA ALA B 134 1.97 19.35 3.78
C ALA B 134 1.69 19.94 5.16
N HIS B 135 2.60 20.77 5.65
CA HIS B 135 2.42 21.37 6.97
C HIS B 135 1.42 22.52 6.91
N ARG B 136 0.37 22.43 7.75
CA ARG B 136 -0.64 23.46 7.98
C ARG B 136 -1.66 23.54 6.87
N ARG B 137 -1.22 23.67 5.61
CA ARG B 137 -2.16 23.94 4.54
C ARG B 137 -1.48 23.74 3.21
N ILE B 138 -2.30 23.42 2.20
CA ILE B 138 -1.93 23.44 0.80
C ILE B 138 -2.66 24.62 0.17
N PRO B 139 -1.95 25.65 -0.29
CA PRO B 139 -2.62 26.82 -0.84
C PRO B 139 -3.26 26.52 -2.17
N PRO B 140 -4.31 27.25 -2.55
CA PRO B 140 -4.91 27.03 -3.88
C PRO B 140 -3.93 27.19 -5.02
N GLU B 141 -2.90 28.04 -4.85
CA GLU B 141 -1.95 28.27 -5.91
C GLU B 141 -1.10 27.05 -6.24
N ASN B 142 -1.05 26.06 -5.34
CA ASN B 142 -0.36 24.80 -5.62
C ASN B 142 -1.25 23.78 -6.32
N ILE B 143 -2.54 24.01 -6.42
CA ILE B 143 -3.48 22.99 -6.85
C ILE B 143 -3.73 23.20 -8.33
N ARG B 144 -3.26 22.27 -9.14
CA ARG B 144 -3.20 22.45 -10.58
C ARG B 144 -4.51 22.09 -11.30
N ARG B 145 -5.10 20.96 -10.95
CA ARG B 145 -6.27 20.47 -11.64
C ARG B 145 -6.93 19.41 -10.79
N VAL B 146 -8.13 18.99 -11.20
CA VAL B 146 -8.87 17.96 -10.51
C VAL B 146 -9.54 17.07 -11.53
N THR B 147 -9.72 15.80 -11.16
CA THR B 147 -10.56 14.86 -11.87
C THR B 147 -11.75 14.55 -10.98
N ARG B 148 -12.96 14.76 -11.51
CA ARG B 148 -14.19 14.43 -10.82
C ARG B 148 -14.69 13.09 -11.33
N VAL B 149 -14.95 12.16 -10.41
CA VAL B 149 -15.52 10.86 -10.74
C VAL B 149 -16.91 10.79 -10.15
N TYR B 150 -17.92 10.63 -11.00
CA TYR B 150 -19.31 10.51 -10.57
C TYR B 150 -19.81 9.12 -10.94
N HIS B 151 -20.27 8.37 -9.95
CA HIS B 151 -20.91 7.08 -10.18
C HIS B 151 -22.39 7.20 -9.88
N ASN B 152 -23.22 6.80 -10.84
CA ASN B 152 -24.67 6.82 -10.69
C ASN B 152 -25.12 5.48 -10.14
N GLY B 153 -25.75 5.51 -8.98
CA GLY B 153 -26.12 4.29 -8.29
C GLY B 153 -27.27 3.56 -8.93
N ILE B 154 -28.13 4.28 -9.65
CA ILE B 154 -29.26 3.64 -10.30
C ILE B 154 -28.82 2.95 -11.59
N THR B 155 -28.13 3.70 -12.43
CA THR B 155 -27.84 3.25 -13.79
C THR B 155 -26.52 2.53 -13.90
N GLY B 156 -25.62 2.71 -12.93
CA GLY B 156 -24.33 2.09 -12.97
C GLY B 156 -23.27 2.83 -13.75
N GLU B 157 -23.61 3.95 -14.39
CA GLU B 157 -22.65 4.69 -15.20
C GLU B 157 -21.65 5.42 -14.30
N THR B 158 -20.38 5.38 -14.68
CA THR B 158 -19.33 6.18 -14.05
C THR B 158 -18.80 7.18 -15.07
N THR B 159 -18.83 8.46 -14.70
CA THR B 159 -18.43 9.56 -15.58
C THR B 159 -17.25 10.29 -14.96
N THR B 160 -16.26 10.61 -15.79
CA THR B 160 -15.05 11.30 -15.33
C THR B 160 -14.91 12.60 -16.11
N THR B 161 -14.68 13.70 -15.39
CA THR B 161 -14.47 15.00 -16.01
C THR B 161 -13.28 15.69 -15.35
N GLU B 162 -12.65 16.61 -16.09
CA GLU B 162 -11.43 17.27 -15.67
C GLU B 162 -11.63 18.77 -15.62
N TYR B 163 -11.02 19.42 -14.63
CA TYR B 163 -11.07 20.86 -14.50
C TYR B 163 -9.70 21.37 -14.11
N SER B 164 -9.28 22.48 -14.71
CA SER B 164 -8.03 23.15 -14.36
C SER B 164 -8.32 24.35 -13.47
N ASN B 165 -7.41 24.61 -12.53
CA ASN B 165 -7.57 25.69 -11.58
C ASN B 165 -6.94 26.96 -12.14
N ALA B 166 -7.77 27.99 -12.38
CA ALA B 166 -7.24 29.25 -12.90
C ALA B 166 -6.28 29.93 -11.93
N ARG B 167 -6.37 29.62 -10.63
CA ARG B 167 -5.49 30.21 -9.64
C ARG B 167 -4.16 29.49 -9.49
N TYR B 168 -3.95 28.38 -10.19
CA TYR B 168 -2.69 27.67 -10.10
C TYR B 168 -1.54 28.55 -10.54
N VAL B 169 -0.43 28.48 -9.81
CA VAL B 169 0.79 29.20 -10.15
C VAL B 169 1.88 28.18 -10.46
N SER B 170 2.48 28.29 -11.62
CA SER B 170 3.58 27.41 -12.00
C SER B 170 4.87 27.91 -11.37
N GLN B 171 5.55 27.04 -10.63
CA GLN B 171 6.86 27.33 -10.06
C GLN B 171 7.70 26.06 -10.15
N GLN B 172 9.02 26.23 -10.15
CA GLN B 172 9.94 25.10 -10.22
C GLN B 172 10.25 24.63 -8.80
N THR B 173 9.28 23.92 -8.20
CA THR B 173 9.43 23.42 -6.85
C THR B 173 9.25 21.90 -6.84
N ARG B 174 9.71 21.29 -5.76
CA ARG B 174 9.43 19.89 -5.48
C ARG B 174 9.40 19.71 -3.98
N ALA B 175 9.01 18.51 -3.54
CA ALA B 175 8.86 18.25 -2.13
C ALA B 175 10.20 18.41 -1.39
N ASN B 176 10.10 18.57 -0.08
CA ASN B 176 11.30 18.70 0.73
C ASN B 176 12.09 17.41 0.67
N PRO B 177 13.42 17.48 0.55
CA PRO B 177 14.22 16.25 0.59
C PRO B 177 14.42 15.67 1.97
N ASN B 178 14.08 16.38 3.03
CA ASN B 178 14.39 15.98 4.39
C ASN B 178 13.12 15.81 5.22
N PRO B 179 13.20 15.03 6.31
CA PRO B 179 12.02 14.86 7.16
C PRO B 179 11.65 16.17 7.84
N TYR B 180 10.37 16.25 8.22
CA TYR B 180 9.87 17.43 8.90
C TYR B 180 10.61 17.64 10.21
N THR B 181 10.93 18.90 10.50
CA THR B 181 11.50 19.32 11.77
C THR B 181 10.66 20.44 12.33
N SER B 182 10.32 20.34 13.62
CA SER B 182 9.52 21.37 14.28
C SER B 182 10.40 22.56 14.67
CAA P34 C . 5.36 -13.09 11.03
N P34 C . 6.02 -12.50 9.86
CAB P34 C . 6.01 -11.04 10.06
CA P34 C . 5.15 -12.75 8.70
C P34 C . 5.86 -12.31 7.44
O P34 C . 7.09 -12.27 7.43
NAM P34 C . 5.11 -11.99 6.38
CAP P34 C . 5.56 -11.58 5.12
CAK P34 C . 4.69 -10.81 4.37
CAU P34 C . 5.02 -10.37 3.09
CAT P34 C . 4.13 -9.54 2.27
CAI P34 C . 2.87 -9.10 2.72
CAF P34 C . 2.08 -8.32 1.92
CAE P34 C . 2.50 -7.95 0.65
CAH P34 C . 3.73 -8.35 0.19
CAS P34 C . 4.56 -9.14 0.99
CAQ P34 C . 5.87 -9.58 0.49
OAD P34 C . 6.28 -9.25 -0.62
NAN P34 C . 6.65 -10.34 1.29
CAR P34 C . 6.27 -10.74 2.56
CAJ P34 C . 7.14 -11.54 3.31
CAG P34 C . 6.79 -11.96 4.57
CAA P34 D . -10.77 7.16 6.36
N P34 D . -10.97 8.17 7.42
CAB P34 D . -11.06 7.41 8.68
CA P34 D . -9.76 9.04 7.49
C P34 D . -9.57 9.66 6.13
O P34 D . -10.52 10.17 5.58
NAM P34 D . -8.32 9.65 5.57
CAP P34 D . -7.95 10.12 4.29
CAK P34 D . -6.65 9.84 3.87
CAU P34 D . -6.21 10.24 2.61
CAT P34 D . -4.84 9.97 2.16
CAI P34 D . -3.92 9.30 2.95
CAF P34 D . -2.64 9.07 2.48
CAE P34 D . -2.27 9.48 1.21
CAH P34 D . -3.17 10.14 0.40
CAS P34 D . -4.46 10.40 0.86
CAQ P34 D . -5.45 11.10 0.02
OAD P34 D . -5.17 11.45 -1.09
NAN P34 D . -6.68 11.34 0.49
CAR P34 D . -7.09 10.92 1.75
CAJ P34 D . -8.39 11.18 2.16
CAG P34 D . -8.81 10.78 3.42
#